data_4CK5
#
_entry.id   4CK5
#
_cell.length_a   1.000
_cell.length_b   1.000
_cell.length_c   1.000
_cell.angle_alpha   90.00
_cell.angle_beta   90.00
_cell.angle_gamma   90.00
#
_symmetry.space_group_name_H-M   'P 1'
#
loop_
_entity.id
_entity.type
_entity.pdbx_description
1 polymer 'TUBULIN ALPHA-1D CHAIN'
2 polymer 'TUBULIN BETA-2B CHAIN'
3 polymer 'KINESIN-LIKE PROTEIN KIF11'
4 non-polymer "GUANOSINE-5'-TRIPHOSPHATE"
5 non-polymer "GUANOSINE-5'-DIPHOSPHATE"
6 non-polymer TAXOL
7 non-polymer 'MAGNESIUM ION'
8 non-polymer "ADENOSINE-5'-DIPHOSPHATE"
#
loop_
_entity_poly.entity_id
_entity_poly.type
_entity_poly.pdbx_seq_one_letter_code
_entity_poly.pdbx_strand_id
1 'polypeptide(L)'
;MRECISIHVGQAGVQIGNACWELYCLEHGIQPDGQMPSDKTIGGGDDSFNTFFSETGAGKHVPRAVFVDLEPTVIDEVRT
GTYRQLFHPEQLITGKEDAANNYARGHYTIGKEIIDLVLDRIRKLADQCTGLQGFSVFHSFGGGTGSGFTSLLMERLSVD
YGKKSKLEFSIYPAPQVSTAVVEPYNSILTTHTTLEHSDCAFMVDNEAIYDICRRNLDIERPTYTNLNRLIGQIVSSITA
SLRFDGALNVDLTEFQTNLVPYPRGHFPLATYAPVISAEKAYHEQLSVAEITNACFEPANQMVKCDPRHGKYMACCLLYR
GDVVPKDVNAAIATIKTKRTIQFVDWCPTGFKVGINYEPPTVVPGGDLAKVQRAVCMLSNTTAIAEAWARLDHKFDLMYA
KRAFVHWYVGEGMEEGEFSEAREDMAALEKDYEEVGVDSVEGEGEEEEGEEY
;
A
2 'polypeptide(L)'
;MREIVHIQAGQCGNQIGAKFWEVISDEHGIDPTGSYHGDSDLQLERINVYYNEAAGNKYVPRAILVDLEPGTMDSVRSGP
FGQIFRPDNFVFGQSGAGNNWAKGHYTEGAELVDSVLDVVRKESESCDCLQGFQLTHSLGGGTGSGMGTLLISKIREEYP
DRIMNTFSVVPSPKVSDTVVEPYNATLSVHQLVENTDETYCIDNEALYDICFRTLKLTTPTYGDLNHLVSATMSGVTTCL
RFPGQLNADLRKLAVNMVPFPRLHFFMPGFAPLTSRGSQQYRALTVPELTQQMFDAKNMMAACDPRHGRYLTVAAVFRGR
MSMKEVDEQMLNVQNKNSSYFVEWIPNNVKTAVCDIPPRGLKMSATFIGNSTAIQELFKRISEQFTAMFRRKAFLHWYTG
EGMDEMEFTEAESNMNDLVSEYQQYQDATADEQGEFEEEEGEDEA
;
B
3 'polypeptide(L)'
;MASQPNSSAKKKEEKGKNIQVVVRVRPFNLAERKASAHSIVESDPVRKEVSVRTGGLADKSSRKTYTFDMVFGASTKQID
VYRSVVAPILDEVIMGYNATIFAYGQTGTGKTFTMEGERSPNEEYCWEEDPLAGIIPRTLHQIFEKLTDNGTEFSVKVSL
LEIYNEELFDLLNPSSDVSERLQMFDDPRNKRGVIIKGLEEITVHNKDEVYQILEKGAAKRTTAATLMNAYSSRSHSVFS
VTIHMKETTIDGEELVKIGKLNLVDLAGSENIGRSGAVDKRAREAGNINQSLLTLGRVITALVERTPHVPYRESKLTRIL
QDSLGGRTRTSIIATISPASLNLEETLSTLEYAHRAKNILNKPEVNQHHHHHH
;
C
#
loop_
_chem_comp.id
_chem_comp.type
_chem_comp.name
_chem_comp.formula
ADP non-polymer ADENOSINE-5'-DIPHOSPHATE 'C10 H15 N5 O10 P2'
GDP RNA linking GUANOSINE-5'-DIPHOSPHATE 'C10 H15 N5 O11 P2'
GTP non-polymer GUANOSINE-5'-TRIPHOSPHATE 'C10 H16 N5 O14 P3'
MG non-polymer 'MAGNESIUM ION' 'Mg 2'
TA1 non-polymer TAXOL 'C47 H51 N O14'
#
# COMPACT_ATOMS: atom_id res chain seq x y z
CA ARG A 2 -22.69 6.34 34.36
CA GLU A 3 -20.70 8.16 31.80
CA CYS A 4 -20.08 6.50 28.48
CA ILE A 5 -17.09 8.22 26.91
CA SER A 6 -16.82 8.31 23.11
CA ILE A 7 -13.85 8.23 20.78
CA HIS A 8 -14.61 9.38 17.26
CA VAL A 9 -11.81 7.98 15.10
CA GLY A 10 -11.13 8.68 11.44
CA GLN A 11 -12.29 11.64 9.39
CA ALA A 12 -15.62 9.93 8.93
CA GLY A 13 -16.03 8.89 12.57
CA VAL A 14 -15.35 12.56 13.17
CA GLN A 15 -17.86 13.90 10.62
CA ILE A 16 -20.47 11.54 12.00
CA GLY A 17 -19.15 12.65 15.37
CA ASN A 18 -19.70 16.32 14.72
CA ALA A 19 -23.21 15.28 13.65
CA CYS A 20 -24.18 13.01 16.53
CA TRP A 21 -22.57 15.62 18.68
CA GLU A 22 -24.76 18.26 17.11
CA LEU A 23 -28.09 16.52 17.56
CA TYR A 24 -27.09 16.30 21.21
CA CYS A 25 -26.94 19.87 22.48
CA LEU A 26 -29.85 20.47 20.10
CA GLU A 27 -32.12 18.35 22.31
CA HIS A 28 -30.50 19.40 25.58
CA GLY A 29 -30.78 23.18 25.23
CA ILE A 30 -27.03 23.74 25.29
CA GLN A 31 -26.20 26.17 22.45
CA PRO A 32 -22.71 26.66 20.84
CA ASP A 33 -21.08 27.73 24.06
CA GLY A 34 -22.72 26.20 27.14
CA HIS A 61 -21.10 22.84 29.15
CA VAL A 62 -18.30 20.42 28.22
CA PRO A 63 -18.49 17.34 25.94
CA ARG A 64 -17.33 13.94 27.11
CA ALA A 65 -15.40 12.50 24.20
CA VAL A 66 -12.36 12.81 21.98
CA PHE A 67 -11.39 13.17 18.32
CA VAL A 68 -8.59 11.25 16.58
CA ASP A 69 -7.20 11.57 13.06
CA LEU A 70 -3.89 10.98 11.45
CA GLU A 71 -4.80 13.56 8.88
CA PRO A 72 -4.92 16.84 10.62
CA THR A 73 -7.29 18.67 8.28
CA VAL A 74 -10.32 16.75 9.66
CA ILE A 75 -9.90 17.20 13.43
CA ASP A 76 -9.03 20.71 12.36
CA GLU A 77 -12.67 20.99 11.25
CA VAL A 78 -13.52 20.66 14.91
CA ARG A 79 -10.80 23.23 15.53
CA THR A 80 -12.09 25.65 12.86
CA GLY A 81 -15.72 24.89 13.01
CA THR A 82 -17.10 26.84 15.60
CA TYR A 83 -18.39 26.26 19.35
CA ARG A 84 -14.90 26.59 20.62
CA GLN A 85 -15.42 26.95 23.88
CA LEU A 86 -17.45 24.31 24.50
CA PHE A 87 -14.58 21.65 22.96
CA HIS A 88 -11.41 21.38 23.98
CA PRO A 89 -8.35 21.20 22.35
CA GLU A 90 -7.03 18.56 24.65
CA GLN A 91 -10.08 16.47 23.34
CA LEU A 92 -8.98 16.91 19.75
CA ILE A 93 -6.02 14.71 18.81
CA THR A 94 -4.27 15.10 15.45
CA GLY A 95 -1.10 13.91 13.77
CA LYS A 96 0.87 15.68 11.22
CA GLU A 97 0.52 13.22 8.51
CA ASP A 98 -2.47 11.71 7.43
CA ALA A 99 -2.91 7.79 8.03
CA ALA A 100 -3.20 7.14 4.61
CA ASN A 101 -5.59 4.31 2.87
CA ASN A 102 -4.18 1.59 4.46
CA TYR A 103 -4.71 -0.62 7.58
CA ALA A 104 -1.09 -1.54 8.32
CA ARG A 105 0.27 1.98 8.05
CA GLY A 106 -2.58 3.38 10.09
CA HIS A 107 -2.47 0.66 12.73
CA TYR A 108 1.36 -0.43 13.16
CA THR A 109 3.84 2.48 11.74
CA ILE A 110 2.24 5.90 12.01
CA GLY A 111 -0.94 5.48 14.03
CA LYS A 112 1.28 4.10 16.81
CA GLU A 113 3.02 7.37 17.63
CA ILE A 114 -0.29 9.02 18.55
CA ILE A 115 -2.02 6.22 20.48
CA ASP A 116 -0.28 6.90 23.81
CA LEU A 117 -1.41 10.50 23.70
CA VAL A 118 -4.82 9.33 22.49
CA LEU A 119 -5.19 6.92 25.38
CA ASP A 120 -4.03 9.56 27.82
CA ARG A 121 -7.25 11.48 27.16
CA ILE A 122 -9.47 8.42 27.47
CA ARG A 123 -7.69 7.88 30.79
CA LYS A 124 -7.73 11.56 31.73
CA LEU A 125 -11.38 11.92 30.69
CA ALA A 126 -12.15 8.49 32.15
CA ASP A 127 -10.88 9.55 35.55
CA GLN A 128 -12.57 12.92 35.94
CA CYS A 129 -16.01 11.25 35.79
CA THR A 130 -17.98 9.19 38.36
CA GLY A 131 -18.30 5.43 37.88
CA LEU A 132 -18.55 5.25 34.07
CA GLN A 133 -19.95 2.43 31.93
CA GLY A 134 -17.86 2.48 28.78
CA PHE A 135 -16.68 4.19 25.58
CA SER A 136 -18.93 4.64 22.58
CA VAL A 137 -16.32 4.41 19.79
CA PHE A 138 -17.03 5.96 16.36
CA HIS A 139 -15.02 4.65 13.39
CA SER A 140 -15.34 3.96 9.67
CA PHE A 141 -14.24 0.37 9.14
CA GLY A 142 -12.66 0.87 5.72
CA GLY A 143 -10.27 3.74 6.28
CA GLY A 144 -6.71 4.28 7.38
CA THR A 145 -7.10 6.20 10.62
CA GLY A 146 -10.46 4.57 11.17
CA SER A 147 -9.66 0.91 10.65
CA GLY A 148 -6.05 0.63 11.73
CA PHE A 149 -5.66 3.10 14.57
CA THR A 150 -8.83 2.21 16.46
CA SER A 151 -7.87 -1.39 16.01
CA LEU A 152 -5.16 -0.73 18.56
CA LEU A 153 -7.13 1.93 20.45
CA MET A 154 -9.93 -0.47 21.27
CA GLU A 155 -7.08 -2.93 21.61
CA ARG A 156 -5.36 -0.93 24.35
CA LEU A 157 -8.79 -0.36 26.01
CA SER A 158 -9.87 -3.98 26.36
CA VAL A 159 -6.80 -4.34 28.57
CA ASP A 160 -6.86 -1.07 30.47
CA TYR A 161 -10.56 -1.33 31.28
CA GLY A 162 -11.61 -4.90 30.52
CA LYS A 163 -14.16 -4.19 33.24
CA LYS A 164 -16.46 -2.03 31.11
CA SER A 165 -18.49 -1.74 27.93
CA LYS A 166 -16.91 -1.40 24.52
CA LEU A 167 -19.68 -0.64 22.09
CA GLU A 168 -18.15 0.47 18.83
CA PHE A 169 -20.42 2.22 16.39
CA SER A 170 -19.14 1.42 12.88
CA ILE A 171 -19.83 2.62 9.44
CA TYR A 172 -18.78 0.95 6.42
CA PRO A 173 -17.38 0.52 3.37
CA ALA A 174 -20.56 -0.31 1.16
CA PRO A 175 -19.55 -2.93 -1.15
CA GLN A 176 -20.09 -1.38 -4.14
CA VAL A 177 -19.45 1.80 -3.52
CA SER A 178 -15.89 1.84 -2.22
CA THR A 179 -13.87 2.94 -4.92
CA ALA A 180 -10.62 0.98 -3.60
CA VAL A 181 -10.11 -2.44 -4.16
CA VAL A 182 -8.31 -2.17 -1.01
CA GLU A 183 -11.17 -1.69 1.25
CA PRO A 184 -11.68 -5.33 2.25
CA TYR A 185 -8.04 -5.53 3.25
CA ASN A 186 -8.82 -2.68 5.63
CA SER A 187 -12.07 -4.20 6.87
CA ILE A 188 -11.14 -7.79 7.34
CA LEU A 189 -8.36 -6.31 9.44
CA THR A 190 -10.37 -3.93 11.57
CA THR A 191 -12.83 -6.71 12.32
CA HIS A 192 -10.31 -9.31 13.52
CA THR A 193 -8.35 -6.89 15.66
CA THR A 194 -11.39 -5.23 17.22
CA LEU A 195 -13.71 -7.94 17.09
CA GLU A 196 -13.13 -9.95 20.06
CA HIS A 197 -12.26 -7.25 22.13
CA SER A 198 -15.20 -4.54 22.24
CA ASP A 199 -18.27 -6.05 23.13
CA CYS A 200 -21.20 -4.78 20.98
CA ALA A 201 -20.45 -3.32 17.57
CA PHE A 202 -23.27 -1.30 16.05
CA MET A 203 -23.34 -1.14 12.29
CA VAL A 204 -24.74 1.45 9.91
CA ASP A 205 -24.23 0.87 6.19
CA ASN A 206 -23.41 4.03 4.27
CA GLU A 207 -25.12 2.92 1.03
CA ALA A 208 -28.18 1.25 2.54
CA ILE A 209 -28.76 4.64 4.21
CA TYR A 210 -28.83 6.37 0.86
CA ASP A 211 -31.72 4.18 -0.16
CA ILE A 212 -33.54 5.55 2.83
CA CYS A 213 -32.72 9.04 1.54
CA ARG A 214 -34.01 8.15 -1.89
CA ARG A 215 -36.96 5.90 -0.98
CA ASN A 216 -37.99 7.16 2.45
CA LEU A 217 -37.44 10.88 2.29
CA ASP A 218 -36.86 11.53 -1.39
CA ILE A 219 -33.66 13.41 -2.25
CA GLU A 220 -30.95 12.59 -4.78
CA ARG A 221 -28.98 15.37 -3.10
CA PRO A 222 -27.84 13.58 0.08
CA THR A 223 -24.70 15.25 1.40
CA TYR A 224 -22.54 13.26 3.78
CA THR A 225 -23.80 15.85 6.20
CA ASN A 226 -27.13 14.04 6.00
CA LEU A 227 -26.24 10.42 6.53
CA ASN A 228 -24.53 11.88 9.55
CA ARG A 229 -27.77 13.55 10.71
CA LEU A 230 -29.35 10.18 10.41
CA ILE A 231 -26.92 8.04 12.36
CA GLY A 232 -26.77 11.26 14.33
CA GLN A 233 -30.35 10.29 15.12
CA ILE A 234 -30.24 6.53 15.60
CA VAL A 235 -27.28 7.15 17.90
CA SER A 236 -29.18 9.73 19.91
CA SER A 237 -31.62 6.93 20.64
CA ILE A 238 -28.86 4.74 21.95
CA THR A 239 -26.93 6.82 24.51
CA ALA A 240 -28.46 10.28 24.82
CA SER A 241 -32.11 9.45 25.62
CA LEU A 242 -31.49 6.00 27.08
CA ARG A 243 -28.98 7.16 29.66
CA PHE A 244 -31.88 9.56 30.19
CA ASP A 245 -34.69 8.57 32.63
CA GLY A 246 -37.80 6.89 31.28
CA ALA A 247 -40.56 4.34 31.78
CA LEU A 248 -38.29 1.41 30.87
CA ASN A 249 -34.63 2.49 31.11
CA VAL A 250 -31.90 0.49 29.39
CA ASP A 251 -28.29 0.78 30.54
CA LEU A 252 -25.35 0.32 28.13
CA THR A 253 -24.43 -2.93 29.77
CA GLU A 254 -28.08 -3.90 29.19
CA PHE A 255 -27.34 -3.92 25.49
CA GLN A 256 -24.43 -6.27 25.20
CA THR A 257 -26.26 -8.49 27.72
CA ASN A 258 -29.64 -8.53 26.00
CA LEU A 259 -27.93 -8.12 22.59
CA VAL A 260 -24.95 -10.45 22.24
CA PRO A 261 -25.48 -14.19 22.48
CA TYR A 262 -21.79 -14.84 22.02
CA PRO A 263 -18.38 -13.29 22.85
CA ARG A 264 -17.67 -12.39 19.24
CA GLY A 265 -18.01 -8.59 19.58
CA HIS A 266 -21.23 -9.27 17.73
CA PHE A 267 -22.52 -6.63 15.47
CA PRO A 268 -26.18 -5.70 15.57
CA LEU A 269 -27.76 -3.32 12.97
CA ALA A 270 -29.27 0.11 13.61
CA THR A 271 -32.75 0.95 12.37
CA TYR A 272 -35.01 3.93 12.87
CA ALA A 273 -38.76 4.12 12.40
CA PRO A 274 -40.27 7.54 11.65
CA VAL A 275 -37.90 8.30 8.81
CA ILE A 276 -40.56 10.37 7.11
CA SER A 277 -39.85 13.55 5.13
CA ALA A 278 -40.52 16.94 6.74
CA GLU A 279 -42.01 18.41 3.61
CA LYS A 280 -43.43 15.86 1.24
CA ALA A 281 -45.87 13.43 2.76
CA TYR A 282 -47.55 13.92 6.09
CA HIS A 283 -49.21 11.16 7.91
CA GLU A 284 -46.75 11.81 10.81
CA GLN A 285 -49.37 10.64 13.37
CA LEU A 286 -48.40 7.07 12.85
CA SER A 287 -49.29 5.31 16.12
CA VAL A 288 -46.86 2.78 17.53
CA ALA A 289 -48.60 -0.10 15.83
CA GLU A 290 -47.20 1.41 12.63
CA ILE A 291 -43.71 2.69 13.41
CA THR A 292 -42.75 -0.72 14.82
CA ASN A 293 -43.80 -2.60 11.77
CA ALA A 294 -41.75 -0.08 9.78
CA CYS A 295 -38.61 -1.36 11.41
CA PHE A 296 -38.65 -4.91 10.12
CA GLU A 297 -39.33 -4.07 6.48
CA PRO A 298 -35.80 -4.31 5.07
CA ALA A 299 -36.03 -0.97 3.29
CA ASN A 300 -35.38 1.03 6.41
CA GLN A 301 -32.43 -0.33 8.28
CA MET A 302 -29.27 1.60 7.61
CA VAL A 303 -27.64 -1.61 6.37
CA LYS A 304 -27.58 -3.50 3.06
CA CYS A 305 -28.14 -6.72 4.95
CA ASP A 306 -31.77 -7.17 3.92
CA PRO A 307 -33.12 -10.04 6.09
CA ARG A 308 -32.46 -12.27 3.09
CA HIS A 309 -32.61 -15.18 5.56
CA GLY A 310 -30.84 -13.89 8.61
CA LYS A 311 -32.94 -14.88 11.59
CA TYR A 312 -33.02 -12.20 14.24
CA MET A 313 -31.67 -13.47 17.54
CA ALA A 314 -32.25 -10.44 19.73
CA CYS A 315 -33.67 -6.98 19.16
CA CYS A 316 -33.56 -3.97 21.45
CA LEU A 317 -36.57 -1.90 20.58
CA LEU A 318 -35.74 1.52 21.93
CA TYR A 319 -38.82 3.70 21.80
CA ARG A 320 -38.98 7.36 22.71
CA GLY A 321 -41.85 9.82 22.97
CA ASP A 322 -45.25 8.93 23.98
CA VAL A 323 -45.35 5.52 23.53
CA VAL A 324 -47.46 2.79 25.28
CA PRO A 325 -46.74 -0.45 26.27
CA LYS A 326 -49.78 -1.92 24.53
CA ASP A 327 -48.81 -0.12 21.35
CA VAL A 328 -45.60 -2.09 21.60
CA ASN A 329 -47.09 -5.28 23.01
CA ALA A 330 -49.07 -5.28 19.77
CA ALA A 331 -46.82 -3.67 17.18
CA ILE A 332 -44.44 -6.47 18.09
CA ALA A 333 -47.24 -9.05 18.12
CA THR A 334 -48.11 -8.09 14.56
CA ILE A 335 -44.46 -8.65 13.69
CA LYS A 336 -44.12 -11.98 15.50
CA THR A 337 -46.71 -13.16 13.20
CA LYS A 338 -44.76 -12.97 10.26
CA ARG A 339 -41.73 -14.62 11.40
CA THR A 340 -40.08 -14.40 7.97
CA ILE A 341 -37.03 -13.33 9.36
CA GLN A 342 -37.00 -16.25 12.05
CA PHE A 343 -35.76 -16.31 15.25
CA VAL A 344 -32.44 -18.48 15.92
CA ASP A 345 -33.80 -21.82 18.00
CA TRP A 346 -31.09 -21.52 20.47
CA CYS A 347 -32.92 -18.71 21.73
CA PRO A 348 -36.54 -18.84 21.48
CA THR A 349 -36.84 -15.22 21.55
CA GLY A 350 -35.42 -11.64 22.08
CA PHE A 351 -37.24 -8.42 22.46
CA LYS A 352 -35.74 -5.86 24.82
CA VAL A 353 -38.35 -3.12 25.04
CA GLY A 354 -36.69 0.18 25.91
CA ILE A 355 -39.08 3.04 26.58
CA ASN A 356 -37.97 6.64 26.97
CA TYR A 357 -40.11 9.72 27.52
CA GLU A 358 -38.87 12.77 25.61
CA PRO A 359 -39.86 12.39 21.92
CA PRO A 360 -37.09 12.62 19.23
CA THR A 361 -35.57 15.96 18.27
CA VAL A 362 -35.15 16.76 14.61
CA VAL A 363 -32.78 19.32 13.17
CA PRO A 364 -34.62 22.70 12.96
CA GLY A 365 -34.69 22.54 9.18
CA GLY A 366 -32.83 19.59 7.73
CA ASP A 367 -35.16 17.07 6.12
CA LEU A 368 -36.26 14.85 8.99
CA ALA A 369 -40.04 14.79 9.51
CA LYS A 370 -40.28 15.38 13.28
CA VAL A 371 -42.74 12.94 14.82
CA GLN A 372 -43.76 12.52 18.47
CA ARG A 373 -42.46 8.99 18.81
CA ALA A 374 -39.84 6.78 17.14
CA VAL A 375 -38.34 3.29 17.20
CA CYS A 376 -34.57 2.88 17.03
CA MET A 377 -34.44 -0.88 16.95
CA LEU A 378 -31.09 -2.53 16.68
CA SER A 379 -30.39 -6.25 16.51
CA ASN A 380 -28.16 -9.20 15.80
CA THR A 381 -29.37 -10.94 12.66
CA THR A 382 -28.15 -14.01 10.85
CA ALA A 383 -28.59 -11.84 7.57
CA ILE A 384 -24.49 -10.61 8.66
CA ALA A 385 -23.75 -14.24 7.78
CA GLU A 386 -24.12 -12.74 4.34
CA ALA A 387 -22.57 -9.26 4.57
CA TRP A 388 -19.45 -10.76 6.20
CA ALA A 389 -19.33 -13.54 3.63
CA ARG A 390 -19.58 -11.18 0.65
CA LEU A 391 -16.89 -9.01 2.22
CA ASP A 392 -14.59 -11.85 3.05
CA HIS A 393 -14.74 -13.32 -0.44
CA LYS A 394 -13.70 -9.89 -1.78
CA PHE A 395 -10.55 -10.04 0.31
CA ASP A 396 -9.47 -13.46 -0.96
CA LEU A 397 -9.74 -12.52 -4.59
CA MET A 398 -7.11 -9.85 -4.04
CA TYR A 399 -5.02 -11.59 -1.45
CA ALA A 400 -5.20 -14.75 -3.69
CA LYS A 401 -4.20 -12.56 -6.64
CA ARG A 402 -1.15 -12.56 -4.67
CA ALA A 403 -0.33 -10.18 -4.33
CA PHE A 404 -1.09 -6.67 -2.95
CA VAL A 405 0.85 -7.69 -0.79
CA HIS A 406 4.37 -5.94 -0.87
CA TRP A 407 2.81 -2.71 0.31
CA TYR A 408 2.04 -4.04 3.74
CA VAL A 409 4.91 -6.42 4.30
CA GLY A 410 7.33 -3.50 3.77
CA GLU A 411 5.27 -1.69 6.19
CA GLY A 412 5.63 -4.27 8.75
CA MET A 413 2.59 -5.83 8.78
CA GLU A 414 3.27 -9.48 7.49
CA GLU A 415 1.88 -12.57 5.52
CA GLY A 416 0.84 -13.46 9.03
CA GLU A 417 -1.54 -10.67 9.94
CA PHE A 418 -3.40 -11.08 6.66
CA SER A 419 -3.65 -14.87 6.40
CA GLU A 420 -4.13 -15.07 10.14
CA ALA A 421 -6.93 -12.46 10.16
CA ARG A 422 -8.60 -14.20 7.28
CA GLU A 423 -8.74 -17.45 9.24
CA ASP A 424 -10.10 -15.17 11.98
CA MET A 425 -13.20 -14.05 10.15
CA ALA A 426 -13.55 -17.55 8.72
CA ALA A 427 -14.75 -18.59 12.20
CA LEU A 428 -17.06 -15.59 12.10
CA GLU A 429 -18.75 -17.05 9.04
CA LYS A 430 -19.25 -20.30 10.93
CA ASP A 431 -20.15 -18.47 14.06
CA TYR A 432 -22.89 -16.22 12.70
CA GLU A 433 -24.10 -19.35 10.91
CA GLU A 434 -24.15 -21.77 13.82
CA VAL A 435 -25.65 -19.41 16.37
CA GLY A 436 -28.43 -18.24 14.20
CA VAL A 437 -30.83 -20.45 12.27
CA ASP A 438 -29.59 -23.09 14.65
CA SER A 439 -31.38 -26.37 14.70
CA ARG B 2 2.49 19.09 2.84
CA GLU B 3 5.35 21.21 1.22
CA ILE B 4 6.62 20.31 -2.52
CA VAL B 5 9.32 21.53 -4.35
CA HIS B 6 8.98 21.78 -8.09
CA ILE B 7 11.87 21.06 -10.46
CA GLN B 8 12.15 22.69 -13.95
CA ALA B 9 14.69 20.41 -15.66
CA GLY B 10 15.81 21.39 -19.16
CA GLN B 11 14.18 23.99 -21.41
CA CYS B 12 10.86 22.28 -21.92
CA GLY B 13 10.47 21.34 -18.30
CA ASN B 14 11.43 24.95 -17.83
CA GLN B 15 9.16 26.55 -20.45
CA ILE B 16 6.36 24.62 -18.73
CA GLY B 17 7.54 25.85 -15.36
CA ALA B 18 6.54 29.28 -16.52
CA LYS B 19 3.09 27.95 -17.38
CA PHE B 20 2.71 25.76 -14.33
CA TRP B 21 3.55 28.74 -12.19
CA GLU B 22 1.67 31.15 -14.39
CA VAL B 23 -1.42 29.16 -13.47
CA ILE B 24 -0.91 27.90 -9.95
CA SER B 25 -0.15 31.44 -8.79
CA ASP B 26 -3.50 32.81 -10.02
CA GLU B 27 -4.96 29.67 -8.40
CA HIS B 28 -3.37 31.15 -5.30
CA GLY B 29 -3.60 34.90 -5.91
CA ILE B 30 0.15 35.52 -6.12
CA ASP B 31 1.04 38.38 -8.46
CA PRO B 32 4.54 38.55 -10.03
CA THR B 33 6.38 39.64 -6.89
CA GLY B 34 3.16 40.69 -5.19
CA SER B 35 1.54 38.68 -2.43
CA TYR B 36 -1.80 37.04 -1.85
CA HIS B 37 -4.53 39.07 -3.58
CA GLY B 38 -6.62 35.92 -3.31
CA ASP B 39 -10.24 36.55 -4.15
CA SER B 40 -10.84 34.25 -1.18
CA ASP B 41 -9.12 33.34 2.09
CA LEU B 42 -8.81 29.60 1.45
CA GLN B 43 -6.20 29.91 -1.29
CA LEU B 44 -3.72 30.69 1.48
CA GLU B 45 -4.05 28.31 4.42
CA ARG B 46 -2.22 25.68 2.39
CA ILE B 47 0.01 27.62 -0.02
CA ASN B 48 3.17 26.63 1.85
CA VAL B 49 3.12 23.51 -0.32
CA TYR B 50 4.72 25.68 -3.04
CA TYR B 51 6.12 28.85 -1.45
CA ASN B 52 8.17 30.39 1.35
CA GLU B 53 7.73 33.24 3.85
CA ALA B 54 10.40 35.95 3.78
CA ALA B 55 9.10 39.49 3.35
CA GLY B 56 5.35 39.40 3.95
CA ASN B 57 4.07 40.00 0.42
CA LYS B 58 6.72 37.88 -1.25
CA TYR B 59 5.80 34.20 -1.20
CA VAL B 60 8.42 32.82 -3.58
CA PRO B 61 7.83 29.66 -5.59
CA ARG B 62 9.94 26.85 -4.19
CA ALA B 63 11.08 25.23 -7.41
CA ILE B 64 14.40 24.64 -9.13
CA LEU B 65 15.40 25.83 -12.60
CA VAL B 66 18.01 23.50 -14.04
CA ASP B 67 19.37 24.10 -17.55
CA LEU B 68 22.66 24.19 -19.49
CA GLU B 69 21.39 26.78 -21.98
CA PRO B 70 21.34 30.31 -20.63
CA GLY B 71 19.02 31.91 -23.23
CA THR B 72 16.18 29.70 -21.97
CA MET B 73 16.03 30.55 -18.27
CA ASP B 74 16.96 34.04 -19.49
CA SER B 75 13.66 34.13 -21.39
CA VAL B 76 11.67 32.75 -18.49
CA ARG B 77 13.39 35.19 -16.15
CA SER B 78 13.04 38.13 -18.56
CA GLY B 79 9.32 37.82 -19.27
CA PRO B 80 6.08 37.81 -17.19
CA PHE B 81 6.15 36.01 -13.82
CA GLY B 82 9.84 35.48 -14.50
CA GLN B 83 10.80 37.86 -11.68
CA ILE B 84 9.32 35.91 -8.76
CA PHE B 85 11.90 33.15 -8.50
CA ARG B 86 14.71 34.00 -6.09
CA PRO B 87 17.88 34.05 -8.27
CA ASP B 88 19.26 31.34 -6.00
CA ASN B 89 16.76 29.05 -7.80
CA PHE B 90 18.45 29.45 -11.18
CA VAL B 91 20.97 26.62 -11.45
CA PHE B 92 22.30 27.33 -14.93
CA GLY B 93 25.09 25.67 -16.87
CA GLN B 94 26.41 28.17 -19.41
CA SER B 95 28.25 25.21 -20.94
CA GLY B 96 27.17 23.84 -24.31
CA ALA B 97 23.72 22.44 -23.50
CA GLY B 98 24.24 19.87 -26.28
CA ASN B 99 21.22 17.78 -27.19
CA ASN B 100 22.91 14.71 -25.82
CA TRP B 101 21.51 12.69 -22.92
CA ALA B 102 25.08 11.79 -22.24
CA LYS B 103 26.17 15.41 -22.34
CA GLY B 104 23.77 16.41 -19.60
CA HIS B 105 23.98 13.29 -17.46
CA TYR B 106 27.66 12.29 -17.42
CA THR B 107 29.84 15.05 -18.72
CA GLU B 108 28.31 18.47 -18.62
CA GLY B 109 25.40 18.04 -16.24
CA ALA B 110 27.30 15.93 -13.74
CA GLU B 111 29.23 19.05 -12.80
CA LEU B 112 26.29 21.39 -12.36
CA VAL B 113 24.58 18.73 -10.24
CA ASP B 114 26.27 19.39 -6.89
CA SER B 115 25.43 23.09 -7.26
CA VAL B 116 21.82 21.94 -7.69
CA LEU B 117 21.50 19.34 -4.94
CA ASP B 118 22.87 22.13 -2.78
CA VAL B 119 19.72 24.14 -3.35
CA VAL B 120 17.32 21.17 -3.54
CA ARG B 121 18.45 20.77 0.10
CA LYS B 122 18.16 24.44 0.96
CA GLU B 123 14.53 24.17 -0.19
CA SER B 124 13.82 20.78 1.34
CA GLU B 125 15.15 21.86 4.73
CA SER B 126 12.95 24.92 4.34
CA CYS B 127 10.39 24.14 7.01
CA ASP B 128 7.52 21.97 8.24
CA CYS B 129 7.33 18.55 6.60
CA LEU B 130 8.29 17.70 3.03
CA GLN B 131 5.97 15.51 0.94
CA GLY B 132 7.79 15.18 -2.40
CA PHE B 133 9.11 16.99 -5.48
CA GLN B 134 7.48 17.86 -8.80
CA LEU B 135 9.61 17.26 -11.88
CA THR B 136 9.00 18.71 -15.34
CA HIS B 137 11.06 17.96 -18.42
CA SER B 138 11.16 16.32 -21.82
CA LEU B 139 12.68 12.94 -22.53
CA GLY B 140 13.95 14.17 -25.86
CA GLY B 141 17.03 16.27 -25.12
CA GLY B 142 20.06 16.87 -22.94
CA THR B 143 19.15 19.13 -20.04
CA GLY B 144 15.85 17.31 -19.92
CA SER B 145 16.25 13.56 -20.00
CA GLY B 146 19.89 13.35 -18.97
CA MET B 147 20.51 16.07 -16.41
CA GLY B 148 16.98 16.00 -15.01
CA THR B 149 17.01 12.24 -14.85
CA LEU B 150 20.14 12.61 -12.78
CA LEU B 151 18.67 15.23 -10.50
CA ILE B 152 16.19 12.63 -9.40
CA SER B 153 18.54 9.68 -9.09
CA LYS B 154 20.25 11.92 -6.52
CA ILE B 155 17.05 13.21 -4.95
CA ARG B 156 15.86 9.57 -4.45
CA GLU B 157 19.04 8.78 -2.54
CA GLU B 158 18.67 11.80 -0.33
CA TYR B 159 15.06 11.24 0.71
CA PRO B 160 13.80 7.77 -0.31
CA ASP B 161 10.87 8.77 1.90
CA ARG B 162 9.42 11.85 0.22
CA ILE B 163 7.60 11.13 -3.06
CA MET B 164 8.57 11.94 -6.65
CA ASN B 165 6.00 12.90 -9.24
CA THR B 166 7.42 13.16 -12.70
CA PHE B 167 5.85 15.07 -15.56
CA SER B 168 7.50 13.78 -18.73
CA VAL B 169 6.89 14.91 -22.27
CA VAL B 170 7.44 11.51 -23.85
CA PRO B 171 8.48 11.79 -27.56
CA SER B 172 5.35 12.32 -29.60
CA PRO B 173 4.79 9.76 -32.37
CA LYS B 174 3.80 11.16 -35.82
CA VAL B 175 6.70 13.67 -35.82
CA SER B 176 9.74 13.93 -33.56
CA ASP B 177 10.82 17.44 -32.62
CA THR B 178 14.36 16.08 -32.46
CA VAL B 179 16.37 13.32 -34.12
CA VAL B 180 18.06 11.20 -31.50
CA GLU B 181 14.87 11.51 -29.47
CA PRO B 182 14.61 7.73 -28.73
CA TYR B 183 18.20 7.94 -27.48
CA ASN B 184 17.60 10.78 -25.04
CA ALA B 185 14.27 9.09 -24.22
CA THR B 186 14.93 5.42 -23.72
CA LEU B 187 17.80 6.58 -21.52
CA SER B 188 15.65 8.78 -19.32
CA VAL B 189 12.63 6.45 -18.95
CA HIS B 190 15.17 3.94 -17.69
CA GLN B 191 16.11 6.35 -14.82
CA LEU B 192 12.42 7.06 -14.20
CA VAL B 193 11.21 3.42 -13.85
CA GLU B 194 13.69 3.33 -11.03
CA ASN B 195 13.52 6.49 -8.97
CA THR B 196 10.37 8.67 -9.25
CA ASP B 197 7.18 6.85 -8.13
CA GLU B 198 4.49 8.75 -10.08
CA THR B 199 4.97 9.86 -13.68
CA TYR B 200 2.53 11.84 -15.78
CA CYS B 201 3.43 11.44 -19.49
CA ILE B 202 2.22 14.15 -21.84
CA ASP B 203 2.45 14.19 -25.66
CA ASN B 204 2.81 17.41 -27.61
CA GLU B 205 0.61 15.86 -30.33
CA ALA B 206 -1.94 14.24 -28.05
CA LEU B 207 -2.34 17.83 -26.87
CA TYR B 208 -2.56 19.43 -30.27
CA ASP B 209 -5.37 17.03 -31.11
CA ILE B 210 -7.09 17.50 -27.77
CA CYS B 211 -6.38 21.21 -28.25
CA PHE B 212 -7.44 21.65 -31.87
CA ARG B 213 -10.58 19.51 -31.83
CA THR B 214 -11.66 19.68 -28.17
CA LEU B 215 -10.91 23.40 -28.26
CA LYS B 216 -11.71 24.56 -31.77
CA LEU B 217 -8.40 26.39 -31.19
CA THR B 218 -6.83 26.83 -34.66
CA THR B 219 -3.40 28.20 -33.65
CA PRO B 220 -2.32 26.14 -30.62
CA THR B 221 0.93 27.81 -29.71
CA TYR B 222 3.26 26.01 -27.31
CA GLY B 223 2.23 28.37 -24.54
CA ASP B 224 -1.16 26.74 -24.90
CA LEU B 225 -0.14 23.10 -24.78
CA ASN B 226 1.95 23.99 -21.77
CA HIS B 227 -1.00 25.84 -20.33
CA LEU B 228 -3.29 22.83 -20.74
CA VAL B 229 -0.75 20.52 -19.12
CA SER B 230 -0.10 22.89 -16.22
CA ALA B 231 -3.88 22.81 -15.77
CA THR B 232 -3.74 19.10 -14.92
CA MET B 233 -0.71 19.22 -12.59
CA SER B 234 -2.64 21.88 -10.62
CA GLY B 235 -5.67 19.62 -10.24
CA VAL B 236 -3.36 16.86 -9.01
CA THR B 237 -1.17 18.38 -6.32
CA THR B 238 -2.11 21.88 -5.15
CA CYS B 239 -5.75 20.93 -5.51
CA LEU B 240 -5.75 18.06 -3.04
CA ARG B 241 -3.96 20.38 -0.66
CA PHE B 242 -7.39 21.94 -0.37
CA PRO B 243 -10.32 20.73 1.74
CA GLY B 244 -12.80 18.19 0.44
CA GLN B 245 -15.52 15.79 1.48
CA LEU B 246 -13.03 13.13 0.52
CA ASN B 247 -9.55 14.50 -0.02
CA ALA B 248 -6.39 12.69 -0.90
CA ASP B 249 -2.75 13.78 -1.36
CA LEU B 250 0.21 12.61 -3.45
CA ARG B 251 0.50 9.51 -1.35
CA LYS B 252 -3.19 8.47 -1.45
CA LEU B 253 -2.77 9.07 -5.17
CA ALA B 254 0.38 7.02 -5.06
CA VAL B 255 -0.82 4.39 -2.60
CA ASN B 256 -3.99 3.81 -4.64
CA MET B 257 -2.48 3.95 -8.06
CA VAL B 258 0.63 1.86 -8.04
CA PRO B 259 -0.08 -1.84 -7.69
CA PHE B 260 3.47 -2.78 -8.58
CA PRO B 261 6.72 -0.88 -7.64
CA ARG B 262 7.86 -0.17 -11.20
CA LEU B 263 6.51 3.31 -10.48
CA HIS B 264 4.20 3.10 -13.41
CA PHE B 265 3.25 6.03 -15.53
CA PHE B 266 -0.15 7.61 -15.79
CA MET B 267 -1.95 9.75 -18.30
CA PRO B 268 -3.61 12.92 -17.02
CA GLY B 269 -6.94 14.26 -18.30
CA PHE B 270 -9.72 16.97 -17.89
CA ALA B 271 -13.19 16.29 -18.37
CA PRO B 272 -13.43 20.00 -19.64
CA LEU B 273 -11.98 21.38 -22.39
CA THR B 274 -14.39 23.81 -24.23
CA SER B 275 -14.14 25.75 -27.15
CA ARG B 276 -14.83 28.95 -25.40
CA GLY B 277 -17.63 30.32 -27.43
CA SER B 278 -19.79 27.73 -28.53
CA GLN B 279 -18.84 25.06 -26.08
CA GLN B 280 -19.22 26.99 -23.26
CA TYR B 281 -22.57 26.46 -21.71
CA ARG B 282 -20.18 25.93 -19.03
CA ALA B 283 -22.04 23.33 -17.46
CA LEU B 284 -20.65 20.44 -16.61
CA THR B 285 -22.82 18.90 -15.55
CA VAL B 286 -21.80 15.25 -14.92
CA PRO B 287 -22.03 12.45 -17.13
CA GLU B 288 -20.49 14.58 -19.82
CA LEU B 289 -17.21 14.94 -17.96
CA THR B 290 -16.88 11.25 -17.21
CA GLN B 291 -17.95 10.66 -20.77
CA GLN B 292 -14.97 12.78 -21.72
CA MET B 293 -12.19 11.75 -19.29
CA PHE B 294 -13.07 7.99 -18.98
CA ASP B 295 -13.31 7.58 -22.67
CA ALA B 296 -9.99 7.71 -25.05
CA LYS B 297 -10.64 11.56 -25.51
CA ASN B 298 -8.70 14.15 -23.54
CA MET B 299 -6.23 11.87 -22.93
CA MET B 300 -2.97 13.24 -22.23
CA ALA B 301 -0.57 10.98 -23.73
CA ALA B 302 -1.57 9.50 -27.61
CA CYS B 303 -1.42 6.11 -26.91
CA ASP B 304 -5.26 5.34 -26.47
CA PRO B 305 -6.77 4.89 -23.31
CA ARG B 306 -9.10 2.39 -25.18
CA HIS B 307 -6.98 -0.14 -26.39
CA GLY B 308 -5.69 -0.49 -23.05
CA ARG B 309 -7.13 -1.40 -19.66
CA TYR B 310 -6.66 0.11 -16.50
CA LEU B 311 -5.11 -0.80 -13.17
CA THR B 312 -6.11 2.31 -11.35
CA VAL B 313 -7.88 5.54 -11.95
CA ALA B 314 -8.12 8.66 -9.84
CA ALA B 315 -10.80 11.15 -10.63
CA VAL B 316 -9.57 14.00 -8.54
CA PHE B 317 -12.66 16.27 -8.79
CA ARG B 318 -12.60 19.79 -7.33
CA GLY B 319 -16.10 21.82 -7.00
CA ARG B 320 -19.49 21.43 -6.00
CA MET B 321 -20.34 18.43 -5.83
CA SER B 322 -22.76 15.97 -4.46
CA MET B 323 -21.45 12.78 -2.81
CA LYS B 324 -24.40 11.17 -4.52
CA GLU B 325 -23.95 12.34 -8.10
CA VAL B 326 -20.28 11.51 -7.62
CA ASP B 327 -20.51 8.20 -5.88
CA GLU B 328 -23.28 7.32 -8.33
CA GLN B 329 -21.77 8.23 -11.70
CA MET B 330 -18.62 6.27 -10.81
CA LEU B 331 -20.83 3.21 -10.69
CA ASN B 332 -22.53 3.28 -14.09
CA VAL B 333 -19.07 4.00 -15.35
CA GLN B 334 -17.94 0.81 -13.62
CA ASN B 335 -20.77 -1.11 -15.24
CA LYS B 336 -20.88 0.32 -18.75
CA ASN B 337 -17.34 -0.80 -18.99
CA SER B 338 -18.61 -4.11 -17.98
CA SER B 339 -16.34 -7.23 -18.52
CA TYR B 340 -12.99 -6.56 -16.87
CA PHE B 341 -11.78 -3.72 -14.82
CA VAL B 342 -9.12 -6.48 -15.14
CA GLU B 343 -9.80 -9.87 -13.52
CA TRP B 344 -8.68 -9.10 -9.96
CA ILE B 345 -9.77 -6.14 -8.97
CA PRO B 346 -13.10 -5.33 -9.11
CA ASN B 347 -12.68 -1.50 -8.88
CA ASN B 348 -9.62 0.55 -9.42
CA VAL B 349 -11.29 3.83 -9.45
CA LYS B 350 -10.09 6.12 -6.67
CA THR B 351 -12.69 8.83 -6.27
CA ALA B 352 -11.25 11.98 -4.81
CA VAL B 353 -13.21 15.13 -4.05
CA CYS B 354 -11.96 18.60 -3.29
CA ASP B 355 -14.32 21.52 -2.75
CA ILE B 356 -13.11 24.76 -4.26
CA PRO B 357 -12.86 24.44 -8.07
CA PRO B 358 -10.53 25.99 -10.66
CA ARG B 359 -10.82 29.70 -9.86
CA GLY B 360 -13.16 30.69 -12.69
CA LEU B 361 -14.96 27.39 -13.21
CA LYS B 362 -17.92 25.73 -11.47
CA MET B 363 -16.82 22.11 -11.60
CA SER B 364 -13.72 20.23 -12.81
CA ALA B 365 -12.01 16.87 -12.23
CA THR B 366 -8.45 15.84 -12.93
CA PHE B 367 -7.99 12.30 -14.22
CA ILE B 368 -4.91 10.27 -13.47
CA GLY B 369 -5.08 6.98 -15.26
CA ASN B 370 -2.75 4.04 -14.79
CA SER B 371 -3.73 2.11 -17.87
CA THR B 372 -1.88 -0.78 -19.44
CA ALA B 373 -2.36 1.07 -22.68
CA ILE B 374 0.81 3.03 -22.13
CA GLN B 375 2.49 -0.19 -23.11
CA GLU B 376 1.94 0.87 -26.70
CA LEU B 377 4.19 3.89 -26.25
CA PHE B 378 7.30 2.59 -24.62
CA LYS B 379 6.99 0.06 -27.40
CA ARG B 380 7.12 2.91 -29.88
CA ILE B 381 10.08 4.55 -28.21
CA SER B 382 11.84 1.24 -27.74
CA GLU B 383 11.31 0.47 -31.42
CA GLN B 384 12.80 3.73 -32.70
CA PHE B 385 15.83 2.96 -30.60
CA THR B 386 16.68 -0.46 -31.98
CA ALA B 387 15.96 0.60 -35.59
CA MET B 388 18.69 3.20 -35.12
CA PHE B 389 20.75 1.67 -32.41
CA ARG B 390 21.15 -1.27 -34.67
CA ARG B 391 21.98 1.12 -37.34
CA LYS B 392 24.82 2.65 -35.39
CA ALA B 393 25.65 4.83 -37.31
CA PHE B 394 24.30 7.35 -34.80
CA LEU B 395 25.50 5.19 -32.27
CA HIS B 396 29.42 6.37 -32.80
CA TRP B 397 28.64 9.93 -31.67
CA TYR B 398 27.70 8.51 -28.30
CA THR B 399 30.25 5.77 -27.70
CA GLY B 400 33.11 7.71 -29.26
CA GLU B 401 31.73 10.75 -27.65
CA GLY B 402 32.22 9.39 -23.97
CA MET B 403 29.20 6.63 -23.80
CA ASP B 404 28.82 3.25 -22.86
CA GLU B 405 27.95 0.77 -25.59
CA MET B 406 26.49 -1.24 -22.73
CA GLU B 407 24.70 1.82 -21.30
CA PHE B 408 22.32 2.07 -24.23
CA THR B 409 21.86 -1.68 -24.14
CA GLU B 410 20.94 -1.43 -20.50
CA ALA B 411 18.26 1.24 -20.82
CA GLU B 412 16.51 -0.18 -23.82
CA SER B 413 16.30 -3.61 -22.24
CA ASN B 414 15.17 -2.21 -18.90
CA MET B 415 12.58 0.11 -20.39
CA ASN B 416 11.90 -2.64 -22.94
CA ASP B 417 11.16 -5.16 -20.18
CA LEU B 418 9.01 -2.45 -18.63
CA VAL B 419 6.75 -2.91 -21.68
CA SER B 420 6.64 -6.61 -21.07
CA GLU B 421 5.50 -6.44 -17.44
CA TYR B 422 2.73 -3.92 -18.14
CA GLN B 423 1.18 -6.56 -20.41
CA GLN B 424 1.20 -9.06 -17.54
CA TYR B 425 -1.93 -7.27 -16.35
CA GLN B 426 -3.60 -6.44 -19.66
CA ASP B 427 -3.86 -10.21 -19.79
CA ALA C 9 -7.63 -32.86 -22.78
CA LYS C 10 -7.71 -32.21 -19.07
CA LYS C 11 -4.62 -30.90 -19.48
CA LYS C 12 -2.85 -29.36 -16.54
CA GLU C 13 0.71 -28.28 -16.09
CA GLU C 14 2.69 -28.27 -12.90
CA LYS C 15 6.23 -28.72 -11.72
CA GLY C 16 6.77 -31.56 -9.30
CA LYS C 17 9.76 -29.90 -7.78
CA ASN C 18 13.12 -28.86 -9.03
CA ILE C 19 12.63 -26.77 -5.95
CA GLN C 20 12.72 -28.40 -2.55
CA VAL C 21 11.92 -27.00 0.86
CA VAL C 22 13.20 -28.66 4.01
CA VAL C 23 13.37 -27.78 7.69
CA ARG C 24 16.13 -28.42 10.19
CA VAL C 25 15.61 -28.04 13.91
CA ARG C 26 18.77 -27.31 15.88
CA PRO C 27 20.55 -27.87 19.23
CA PHE C 28 20.71 -25.88 20.98
CA ASN C 29 21.83 -22.57 22.59
CA LEU C 30 22.82 -21.81 26.53
CA ALA C 31 19.98 -19.29 27.04
CA GLU C 32 17.36 -21.86 25.96
CA ARG C 33 18.78 -24.45 28.42
CA LYS C 34 18.73 -21.99 31.33
CA ALA C 35 15.29 -21.14 30.50
CA SER C 36 14.34 -24.52 31.60
CA ALA C 37 12.25 -24.76 28.55
CA HIS C 38 11.44 -27.86 26.99
CA SER C 39 10.85 -28.27 23.33
CA ILE C 40 7.63 -26.61 21.98
CA VAL C 41 8.87 -28.43 18.51
CA GLU C 42 8.15 -32.18 17.79
CA SER C 43 10.09 -33.70 14.88
CA ASP C 44 9.07 -36.99 13.27
CA PRO C 45 11.79 -38.20 10.89
CA VAL C 46 9.62 -41.04 9.40
CA ARG C 47 6.70 -39.56 9.35
CA LYS C 48 8.83 -36.24 7.96
CA GLU C 49 6.48 -33.98 9.92
CA VAL C 50 7.09 -31.10 12.34
CA SER C 51 4.37 -30.16 14.82
CA VAL C 52 4.31 -26.99 16.93
CA ARG C 53 2.32 -26.35 20.15
CA THR C 54 1.10 -22.90 19.95
CA GLY C 55 -0.35 -22.71 23.04
CA GLY C 56 1.19 -22.18 26.43
CA LEU C 57 0.52 -24.21 29.53
CA ALA C 58 -2.71 -26.21 29.22
CA ASP C 59 -3.12 -25.12 25.78
CA LYS C 60 -2.60 -28.88 25.10
CA SER C 61 -4.88 -29.49 22.39
CA SER C 62 -3.87 -26.84 19.86
CA ARG C 63 -0.66 -27.69 17.51
CA LYS C 64 0.01 -27.14 13.81
CA THR C 65 1.57 -29.88 11.69
CA TYR C 66 3.58 -29.49 8.49
CA THR C 67 5.04 -32.06 6.11
CA PHE C 68 8.13 -32.01 3.82
CA ASP C 69 10.53 -33.47 1.80
CA MET C 70 13.01 -34.11 4.40
CA VAL C 71 13.19 -33.45 8.14
CA PHE C 72 16.41 -33.52 10.17
CA GLY C 73 16.31 -33.56 13.95
CA ALA C 74 18.99 -32.19 16.20
CA SER C 75 20.62 -35.51 15.95
CA THR C 76 21.07 -34.78 12.30
CA LYS C 77 24.73 -33.98 11.89
CA GLN C 78 26.66 -31.78 9.50
CA ILE C 79 27.60 -34.63 7.15
CA ASP C 80 23.99 -35.71 6.87
CA VAL C 81 22.77 -32.26 5.84
CA TYR C 82 25.52 -32.24 3.21
CA ARG C 83 24.68 -35.68 1.83
CA SER C 84 20.92 -35.13 1.58
CA VAL C 85 21.09 -31.71 0.53
CA VAL C 86 23.52 -30.90 -1.67
CA ALA C 87 24.35 -34.61 -3.34
CA PRO C 88 21.46 -34.38 -5.59
CA ILE C 89 22.22 -30.75 -6.90
CA LEU C 90 25.76 -31.69 -6.79
CA ASP C 91 25.05 -34.37 -9.18
CA GLU C 92 23.81 -32.34 -11.24
CA VAL C 93 27.17 -29.96 -10.83
CA ILE C 94 28.53 -32.63 -12.36
CA MET C 95 26.62 -32.12 -15.10
CA GLY C 96 27.56 -28.82 -15.29
CA TYR C 97 25.11 -26.73 -14.50
CA ASN C 98 23.99 -24.12 -12.54
CA ALA C 99 22.35 -24.81 -9.17
CA THR C 100 21.65 -23.08 -5.83
CA ILE C 101 21.25 -24.12 -2.17
CA PHE C 102 19.90 -21.76 0.54
CA ALA C 103 20.08 -21.67 4.36
CA TYR C 104 17.14 -20.05 6.41
CA GLY C 105 17.26 -19.67 10.15
CA GLN C 106 16.48 -16.92 12.77
CA THR C 107 19.20 -15.57 14.53
CA GLY C 108 20.84 -18.31 16.54
CA THR C 109 19.74 -21.06 14.30
CA GLY C 110 23.31 -21.58 13.23
CA LYS C 111 22.72 -20.39 9.71
CA THR C 112 26.49 -19.97 9.46
CA PHE C 113 27.08 -23.09 11.57
CA THR C 114 25.01 -25.03 9.06
CA MET C 115 26.38 -23.43 5.87
CA GLU C 116 30.09 -22.73 6.70
CA GLY C 117 30.48 -24.98 9.71
CA GLU C 118 33.53 -24.61 11.90
CA ARG C 119 36.97 -26.17 12.21
CA SER C 120 36.88 -26.56 15.95
CA PRO C 121 36.32 -24.07 18.68
CA ASN C 122 38.94 -25.34 21.06
CA GLU C 123 41.93 -25.33 18.78
CA GLU C 124 43.02 -26.74 15.50
CA TYR C 125 43.11 -30.47 15.69
CA CYS C 126 41.03 -32.81 13.69
CA TRP C 127 39.97 -36.40 13.30
CA GLU C 128 38.97 -38.06 10.11
CA GLU C 129 35.80 -36.32 9.08
CA ASP C 130 35.42 -32.74 10.12
CA PRO C 131 32.90 -33.48 11.39
CA LEU C 132 32.10 -29.79 12.04
CA ALA C 133 32.63 -28.54 8.48
CA GLY C 134 29.62 -26.97 6.80
CA ILE C 135 28.01 -27.02 3.19
CA ILE C 136 30.51 -24.69 1.49
CA PRO C 137 33.55 -26.69 2.73
CA ARG C 138 32.13 -30.13 1.86
CA THR C 139 30.89 -28.93 -1.53
CA LEU C 140 34.33 -27.74 -2.69
CA HIS C 141 35.86 -30.96 -1.39
CA GLN C 142 33.43 -33.11 -3.40
CA ILE C 143 33.77 -31.11 -6.62
CA PHE C 144 37.52 -31.75 -6.65
CA GLU C 145 37.16 -35.39 -5.56
CA LYS C 146 34.45 -36.27 -8.08
CA LEU C 147 35.86 -34.40 -11.09
CA THR C 148 39.38 -35.61 -10.41
CA ASP C 149 38.31 -39.25 -10.14
CA ASN C 150 36.38 -39.13 -13.43
CA GLY C 151 39.81 -37.61 -14.32
CA THR C 152 38.13 -34.48 -16.50
CA GLU C 153 40.45 -31.90 -17.47
CA PHE C 154 39.13 -29.19 -15.17
CA SER C 155 39.68 -25.86 -13.45
CA VAL C 156 38.00 -24.53 -10.30
CA LYS C 157 37.38 -20.92 -9.29
CA VAL C 158 35.29 -19.44 -6.48
CA SER C 159 33.90 -16.06 -5.42
CA LEU C 160 32.37 -14.66 -2.26
CA LEU C 161 30.22 -11.56 -2.12
CA GLU C 162 27.98 -10.14 0.60
CA ILE C 163 24.71 -8.27 0.25
CA TYR C 164 24.15 -5.73 3.03
CA ASN C 165 21.68 -2.92 2.47
CA GLU C 166 21.71 -4.31 -0.83
CA GLU C 167 24.89 -3.23 -1.57
CA LEU C 168 27.32 -5.81 -2.97
CA PHE C 169 30.66 -6.21 -1.20
CA ASP C 170 33.45 -8.44 -2.48
CA LEU C 171 34.39 -10.68 0.78
CA LEU C 172 36.89 -12.61 -1.21
CA ASN C 173 39.89 -10.79 -1.57
CA PRO C 174 41.96 -10.69 1.17
CA SER C 175 42.01 -7.79 2.60
CA SER C 176 41.13 -3.91 2.42
CA ASP C 177 37.30 -4.32 1.61
CA VAL C 178 35.30 -1.88 0.01
CA SER C 179 33.16 0.63 1.34
CA GLU C 180 31.73 1.34 -1.47
CA ARG C 181 29.92 -1.71 -3.55
CA LEU C 182 31.01 -3.02 -6.68
CA GLN C 183 28.65 -1.84 -9.57
CA MET C 184 26.37 -4.61 -11.09
CA PHE C 185 25.11 -4.14 -14.66
CA ASP C 186 23.73 -6.18 -17.33
CA ASP C 187 26.33 -7.83 -19.39
CA PRO C 188 26.10 -8.12 -23.19
CA ARG C 189 25.85 -11.99 -23.60
CA ASN C 190 23.04 -14.00 -22.89
CA LYS C 191 20.51 -12.13 -21.87
CA ARG C 192 19.62 -11.14 -18.01
CA GLY C 193 23.40 -11.31 -18.06
CA VAL C 194 24.99 -9.67 -14.85
CA ILE C 195 28.57 -8.60 -14.39
CA ILE C 196 29.70 -7.63 -10.90
CA LYS C 197 33.11 -5.88 -11.25
CA GLY C 198 35.07 -5.22 -8.32
CA LEU C 199 35.10 -9.21 -7.95
CA GLU C 200 37.93 -11.20 -8.78
CA GLU C 201 38.11 -14.93 -8.96
CA ILE C 202 40.10 -17.03 -6.87
CA THR C 203 41.43 -20.10 -8.66
CA VAL C 204 41.41 -23.13 -6.37
CA HIS C 205 44.22 -25.45 -6.75
CA ASN C 206 42.85 -28.51 -5.22
CA LYS C 207 40.08 -29.13 -2.30
CA ASP C 208 42.08 -27.81 0.39
CA GLU C 209 41.98 -25.02 -0.79
CA VAL C 210 38.80 -23.69 -0.38
CA TYR C 211 39.62 -22.95 3.27
CA GLN C 212 42.31 -20.36 2.61
CA ILE C 213 40.07 -18.63 0.07
CA LEU C 214 37.24 -18.39 2.61
CA GLU C 215 39.65 -16.89 5.14
CA LYS C 216 40.72 -14.10 2.78
CA GLY C 217 37.03 -13.47 2.22
CA ALA C 218 36.22 -13.47 5.92
CA ALA C 219 39.13 -11.14 6.75
CA LYS C 220 37.99 -8.63 4.14
CA ARG C 221 34.39 -9.06 5.30
CA THR C 222 35.45 -7.93 8.79
CA THR C 223 37.29 -4.88 7.47
CA ALA C 224 34.16 -3.78 5.62
CA ALA C 225 32.06 -4.28 8.74
CA THR C 226 34.38 -2.28 10.97
CA LEU C 227 35.50 0.68 8.55
CA MET C 228 31.84 1.05 7.36
CA ASN C 229 30.28 0.25 11.02
CA ALA C 230 27.96 -2.16 8.42
CA TYR C 231 27.95 -5.26 9.03
CA SER C 232 29.34 -8.59 8.10
CA SER C 233 26.99 -11.06 9.53
CA ARG C 234 22.73 -11.10 8.93
CA SER C 235 23.56 -10.03 5.75
CA HIS C 236 23.24 -12.42 2.62
CA SER C 237 26.43 -14.34 1.79
CA VAL C 238 26.84 -15.72 -1.75
CA PHE C 239 29.61 -18.28 -2.19
CA SER C 240 29.77 -19.50 -5.79
CA VAL C 241 31.98 -22.18 -7.35
CA THR C 242 32.36 -22.46 -11.13
CA ILE C 243 33.74 -25.57 -12.86
CA HIS C 244 35.22 -25.73 -16.37
CA MET C 245 35.34 -29.34 -17.57
CA LYS C 246 36.57 -31.10 -20.71
CA GLU C 247 36.50 -34.89 -20.78
CA THR C 248 37.65 -36.88 -23.59
CA THR C 249 36.09 -40.42 -24.89
CA ILE C 250 36.80 -42.39 -27.49
CA ASP C 251 34.31 -41.28 -30.07
CA GLY C 252 31.51 -39.04 -29.54
CA GLU C 253 33.58 -36.42 -29.27
CA GLU C 254 35.12 -34.34 -26.62
CA LEU C 255 32.77 -32.76 -24.30
CA VAL C 256 33.22 -29.23 -22.96
CA LYS C 257 31.17 -28.40 -19.86
CA ILE C 258 30.82 -25.56 -17.35
CA GLY C 259 29.07 -26.01 -14.01
CA LYS C 260 28.13 -23.66 -11.19
CA LEU C 261 26.83 -24.02 -7.63
CA ASN C 262 25.65 -21.12 -5.48
CA LEU C 263 25.64 -21.70 -1.72
CA VAL C 264 23.63 -18.99 0.02
CA ASP C 265 23.66 -18.29 3.76
CA LEU C 266 20.70 -15.92 4.13
CA ALA C 267 19.86 -14.17 7.34
CA GLY C 268 16.32 -14.65 8.40
CA SER C 269 13.76 -11.90 8.90
CA GLU C 270 13.62 -10.34 12.27
CA VAL C 278 10.81 -0.43 15.94
CA ASP C 279 12.00 2.50 13.71
CA LYS C 280 15.41 1.64 12.25
CA ARG C 281 15.05 -2.05 13.12
CA ALA C 282 11.46 -1.98 11.89
CA ARG C 283 12.54 -0.31 8.64
CA GLU C 284 15.00 -3.16 8.13
CA ALA C 285 12.33 -5.77 8.90
CA GLY C 286 10.03 -4.12 6.38
CA ASN C 287 12.63 -4.43 3.63
CA ILE C 288 13.64 -7.89 4.79
CA ASN C 289 10.04 -9.18 4.79
CA GLN C 290 9.27 -7.54 1.47
CA SER C 291 12.36 -8.95 -0.19
CA LEU C 292 11.64 -12.46 1.13
CA LEU C 293 8.05 -12.10 0.01
CA THR C 294 9.31 -11.22 -3.48
CA LEU C 295 11.47 -14.35 -3.23
CA GLY C 296 8.37 -16.38 -2.40
CA ARG C 297 6.52 -14.95 -5.40
CA VAL C 298 9.45 -15.76 -7.69
CA ILE C 299 9.43 -19.35 -6.41
CA THR C 300 5.67 -19.64 -6.79
CA ALA C 301 5.80 -18.08 -10.25
CA LEU C 302 8.35 -20.65 -11.39
CA VAL C 303 6.46 -23.65 -9.97
CA GLU C 304 3.25 -22.29 -11.53
CA ARG C 305 5.42 -21.59 -14.63
CA THR C 306 3.63 -18.30 -14.75
CA PRO C 307 5.12 -15.33 -14.38
CA HIS C 308 4.69 -12.36 -12.24
CA VAL C 309 6.51 -9.07 -11.50
CA PRO C 310 6.19 -7.70 -8.30
CA TYR C 311 8.88 -6.93 -8.63
CA ARG C 312 10.01 -4.04 -8.33
CA GLU C 313 11.96 -3.89 -4.80
CA SER C 314 14.10 -6.91 -4.17
CA LYS C 315 17.72 -7.34 -5.24
CA LEU C 316 17.57 -10.71 -4.50
CA THR C 317 15.72 -12.45 -7.34
CA ARG C 318 17.23 -10.14 -9.97
CA ILE C 319 20.77 -11.08 -8.99
CA LEU C 320 19.99 -14.82 -8.99
CA GLN C 321 17.85 -14.62 -12.13
CA ASP C 322 20.57 -16.17 -14.32
CA SER C 323 20.53 -19.05 -11.86
CA LEU C 324 16.81 -19.77 -11.49
CA GLY C 325 16.39 -19.00 -15.26
CA GLY C 326 17.73 -22.30 -16.21
CA ARG C 327 16.51 -25.47 -14.77
CA THR C 328 18.31 -26.23 -11.99
CA ARG C 329 17.97 -28.42 -8.68
CA THR C 330 17.29 -25.81 -6.08
CA SER C 331 17.04 -26.55 -2.37
CA ILE C 332 16.21 -24.62 0.79
CA ILE C 333 17.35 -25.74 4.23
CA ALA C 334 15.25 -24.11 6.95
CA THR C 335 16.90 -24.12 10.36
CA ILE C 336 14.74 -23.93 13.45
CA SER C 337 14.63 -23.59 16.95
CA PRO C 338 13.38 -26.60 18.79
CA ALA C 339 13.00 -25.07 21.79
CA SER C 340 9.55 -23.15 22.77
CA LEU C 341 11.51 -19.91 23.09
CA ASN C 342 11.40 -19.50 19.27
CA LEU C 343 7.76 -20.55 18.65
CA GLU C 344 6.87 -17.37 16.76
CA GLU C 345 9.72 -17.42 14.21
CA THR C 346 9.43 -21.18 13.69
CA LEU C 347 5.76 -20.81 12.81
CA SER C 348 6.60 -17.88 10.54
CA THR C 349 9.21 -19.96 8.73
CA LEU C 350 6.84 -22.90 8.27
CA GLU C 351 4.11 -20.54 6.96
CA TYR C 352 6.50 -18.91 4.47
CA ALA C 353 7.54 -22.39 3.24
CA HIS C 354 3.91 -23.52 3.00
CA ARG C 355 3.06 -20.45 0.90
CA ALA C 356 5.94 -21.16 -1.51
CA LYS C 357 4.81 -24.30 -2.46
CA ASN C 358 1.51 -26.45 -2.03
CA ILE C 359 2.29 -29.31 0.30
CA LEU C 360 0.01 -31.51 1.77
CA ASN C 361 -0.08 -32.84 5.12
CA LYS C 362 0.66 -36.38 5.54
CA PRO C 363 -2.35 -37.36 7.71
CA GLU C 364 -3.52 -38.04 11.46
CA VAL C 365 -0.85 -35.10 11.75
PG GTP D . -7.99 7.21 5.96
O1G GTP D . -8.19 8.58 5.31
O2G GTP D . -6.61 7.09 6.62
O3G GTP D . -8.03 6.08 4.95
O3B GTP D . -9.24 7.12 7.03
PB GTP D . -10.85 7.24 6.67
O1B GTP D . -11.37 8.55 7.06
O2B GTP D . -11.49 6.00 7.26
O3A GTP D . -10.92 6.99 5.16
PA GTP D . -11.97 7.19 4.06
O1A GTP D . -11.35 6.78 2.77
O2A GTP D . -12.56 8.54 4.11
O5' GTP D . -13.10 6.05 4.43
C5' GTP D . -14.19 6.05 3.52
C4' GTP D . -15.25 5.04 3.77
O4' GTP D . -16.25 5.57 4.69
C3' GTP D . -15.99 4.78 2.47
O3' GTP D . -16.56 3.49 2.50
C2' GTP D . -17.02 5.90 2.47
O2' GTP D . -18.15 5.50 1.68
C1' GTP D . -17.37 6.08 3.95
N9 GTP D . -17.60 7.47 4.38
C8 GTP D . -16.72 8.52 4.29
N7 GTP D . -17.19 9.64 4.76
C5 GTP D . -18.47 9.32 5.18
C6 GTP D . -19.45 10.12 5.76
O6 GTP D . -19.37 11.31 6.02
N1 GTP D . -20.63 9.41 6.06
C2 GTP D . -20.83 8.07 5.81
N2 GTP D . -21.99 7.59 6.14
N3 GTP D . -19.91 7.30 5.25
C4 GTP D . -18.75 7.97 4.96
PB GDP E . 16.59 20.47 -23.53
O1B GDP E . 16.59 19.87 -22.18
O2B GDP E . 16.16 21.80 -23.59
O3B GDP E . 18.05 20.21 -24.20
O3A GDP E . 15.53 19.68 -24.37
PA GDP E . 14.17 20.21 -25.18
O1A GDP E . 13.18 20.71 -24.19
O2A GDP E . 14.66 21.22 -26.20
O5' GDP E . 13.63 18.88 -25.79
C5' GDP E . 12.79 18.87 -26.97
C4' GDP E . 11.49 18.24 -26.79
O4' GDP E . 10.71 19.04 -25.81
C3' GDP E . 10.54 18.29 -28.04
O3' GDP E . 9.81 17.01 -28.06
C2' GDP E . 9.50 19.43 -27.85
O2' GDP E . 8.18 19.28 -28.39
C1' GDP E . 9.41 19.55 -26.32
N9 GDP E . 9.25 20.92 -25.83
C8 GDP E . 10.39 21.88 -25.94
N7 GDP E . 9.67 22.93 -25.32
C5 GDP E . 8.42 22.76 -24.94
C6 GDP E . 7.28 23.35 -24.33
O6 GDP E . 7.43 24.63 -23.96
N1 GDP E . 6.11 22.72 -24.12
C2 GDP E . 5.99 21.30 -24.53
N2 GDP E . 4.77 20.90 -24.23
N3 GDP E . 6.96 20.71 -25.09
C4 GDP E . 8.12 21.37 -25.26
O01 TA1 F . -8.86 30.64 -20.73
C01 TA1 F . -9.86 30.01 -19.91
C02 TA1 F . -10.43 28.75 -20.78
O02 TA1 F . -9.20 27.95 -20.97
C03 TA1 F . -8.62 27.91 -22.26
O03 TA1 F . -9.08 28.47 -23.23
C04 TA1 F . -7.43 27.10 -22.31
C05 TA1 F . -6.35 27.79 -23.01
C06 TA1 F . -5.08 27.01 -23.11
C07 TA1 F . -4.96 25.70 -22.56
C08 TA1 F . -5.95 25.21 -21.98
C09 TA1 F . -7.23 25.82 -21.80
C10 TA1 F . -11.56 27.79 -20.13
C11 TA1 F . -11.29 26.21 -20.33
O04 TA1 F . -10.03 25.77 -19.66
C12 TA1 F . -9.91 25.73 -18.29
O05 TA1 F . -10.75 26.06 -17.51
C13 TA1 F . -8.53 25.22 -17.92
C14 TA1 F . -11.10 25.64 -21.76
O06 TA1 F . -12.18 24.70 -21.61
C15 TA1 F . -12.43 25.17 -20.27
C16 TA1 F . -13.90 25.69 -20.08
C17 TA1 F . -13.99 27.14 -19.64
O07 TA1 F . -15.39 27.53 -19.54
C18 TA1 F . -13.15 28.14 -20.57
C19 TA1 F . -13.46 27.84 -22.06
C20 TA1 F . -13.67 29.66 -20.38
O08 TA1 F . -14.21 30.23 -21.32
C21 TA1 F . -13.52 30.42 -19.05
O09 TA1 F . -14.09 31.78 -19.24
C22 TA1 F . -15.25 32.15 -18.57
O10 TA1 F . -15.85 31.45 -17.81
C23 TA1 F . -15.63 33.55 -18.92
C24 TA1 F . -12.06 30.48 -18.63
C25 TA1 F . -11.64 29.83 -17.47
C26 TA1 F . -10.10 29.80 -17.21
O11 TA1 F . -9.68 28.82 -16.19
C27 TA1 F . -9.56 29.24 -14.94
O12 TA1 F . -9.76 30.34 -14.51
C28 TA1 F . -9.09 28.08 -14.03
O13 TA1 F . -8.93 28.59 -12.72
C29 TA1 F . -7.77 27.51 -14.61
N01 TA1 F . -6.86 28.64 -14.79
C30 TA1 F . -5.87 28.65 -15.72
O14 TA1 F . -5.65 27.71 -16.47
C31 TA1 F . -5.11 29.93 -15.77
C32 TA1 F . -4.38 30.43 -14.69
C33 TA1 F . -3.67 31.66 -14.80
C34 TA1 F . -3.71 32.39 -16.02
C35 TA1 F . -4.43 31.89 -17.10
C36 TA1 F . -5.13 30.68 -17.00
C37 TA1 F . -7.20 26.38 -13.73
C38 TA1 F . -7.58 25.06 -14.04
C39 TA1 F . -7.09 23.98 -13.25
C40 TA1 F . -6.24 24.22 -12.18
C41 TA1 F . -5.87 25.52 -11.88
C42 TA1 F . -6.34 26.61 -12.64
C43 TA1 F . -9.30 29.45 -18.52
C44 TA1 F . -12.54 29.09 -16.49
C45 TA1 F . -10.98 31.20 -19.58
C46 TA1 F . -10.35 32.44 -18.81
C47 TA1 F . -11.47 31.84 -20.90
MG MG G . 25.55 -15.32 11.25
PB ADP H . 23.54 -17.20 13.16
O1B ADP H . 23.02 -15.84 13.42
O2B ADP H . 22.58 -18.34 13.54
O3B ADP H . 24.07 -17.36 11.76
PA ADP H . 25.70 -18.68 14.68
O1A ADP H . 25.43 -19.23 13.32
O2A ADP H . 26.43 -17.50 15.19
O3A ADP H . 24.80 -17.45 14.08
O5' ADP H . 24.56 -19.13 15.69
C5' ADP H . 24.70 -18.69 17.06
C4' ADP H . 25.22 -19.73 18.07
O4' ADP H . 24.32 -20.88 18.07
C3' ADP H . 26.63 -20.32 17.90
O3' ADP H . 27.45 -19.87 19.01
C2' ADP H . 26.48 -21.91 18.05
O2' ADP H . 27.10 -22.46 19.25
C1' ADP H . 24.96 -22.15 18.15
N9 ADP H . 24.41 -23.12 17.10
C8 ADP H . 23.60 -22.85 16.10
N7 ADP H . 23.32 -23.88 15.40
C5 ADP H . 24.02 -24.92 16.00
C6 ADP H . 24.14 -26.33 15.74
N6 ADP H . 23.48 -26.97 14.72
N1 ADP H . 24.93 -27.07 16.56
C2 ADP H . 25.58 -26.46 17.57
N3 ADP H . 25.52 -25.15 17.88
C4 ADP H . 24.71 -24.45 17.05
#